data_8RK8
#
_entry.id   8RK8
#
_cell.length_a   1.00
_cell.length_b   1.00
_cell.length_c   1.00
_cell.angle_alpha   90.00
_cell.angle_beta   90.00
_cell.angle_gamma   90.00
#
_symmetry.space_group_name_H-M   'P 1'
#
_entity_poly.entity_id   1
_entity_poly.type   'polypeptide(L)'
_entity_poly.pdbx_seq_one_letter_code
;MAQETYFYGQGEIDAAPIVNGVLGKWRWIQDVSAMSIQLAVEKVEHKESYSGQKALVRSFPIGKTATVNITLHSIGPDNL
ALTLYGKVVAKAAGSVTGEVLPADLVAGDVIRLANFGVSELVITDSASSPAPLDPQYYALRADGAYGEVQLLGLPTPAPT
QPFKAAYEYAATKQVGMFTAPQPTVALRYKGINLAEGGAPVIVELYKVATDPLQELALISDGNTVAGMQISGGILLDTSK
PDTGDLGRFGRIIQLG
;
_entity_poly.pdbx_strand_id   A
#
# COMPACT_ATOMS: atom_id res chain seq x y z
N THR A 5 13.28 30.66 13.05
CA THR A 5 12.95 30.01 14.31
C THR A 5 11.46 29.62 14.35
N TYR A 6 10.85 29.53 13.17
CA TYR A 6 9.47 29.09 13.04
C TYR A 6 9.41 27.99 11.98
N PHE A 7 8.43 27.10 12.12
CA PHE A 7 8.38 25.89 11.31
C PHE A 7 7.04 25.80 10.57
N TYR A 8 7.11 25.68 9.25
CA TYR A 8 5.98 25.26 8.41
C TYR A 8 6.61 24.41 7.29
N GLY A 9 6.66 23.10 7.51
CA GLY A 9 7.48 22.23 6.69
C GLY A 9 6.71 21.55 5.58
N GLN A 10 7.35 21.47 4.40
CA GLN A 10 6.85 20.69 3.27
C GLN A 10 8.04 19.94 2.67
N GLY A 11 7.87 18.65 2.41
CA GLY A 11 9.00 17.89 1.92
C GLY A 11 8.66 16.47 1.54
N GLU A 12 9.71 15.67 1.38
CA GLU A 12 9.62 14.30 0.91
C GLU A 12 10.08 13.33 2.00
N ILE A 13 9.67 12.07 1.84
CA ILE A 13 10.00 11.02 2.78
C ILE A 13 10.59 9.85 2.00
N ASP A 14 11.75 9.37 2.43
CA ASP A 14 12.41 8.22 1.84
C ASP A 14 12.44 7.08 2.84
N ALA A 15 12.10 5.88 2.37
CA ALA A 15 12.00 4.70 3.22
C ALA A 15 12.96 3.63 2.73
N ALA A 16 13.66 3.00 3.67
CA ALA A 16 14.59 1.92 3.36
C ALA A 16 14.22 0.70 4.20
N PRO A 17 13.76 -0.39 3.60
CA PRO A 17 13.40 -1.56 4.42
C PRO A 17 14.61 -2.18 5.09
N ILE A 18 14.37 -2.76 6.27
CA ILE A 18 15.40 -3.42 7.06
C ILE A 18 15.10 -4.92 7.04
N VAL A 19 16.00 -5.70 6.47
CA VAL A 19 15.87 -7.15 6.42
C VAL A 19 17.07 -7.75 7.15
N ASN A 20 16.80 -8.47 8.24
CA ASN A 20 17.86 -9.12 9.01
C ASN A 20 18.97 -8.13 9.38
N GLY A 21 18.62 -6.86 9.53
CA GLY A 21 19.56 -5.86 9.98
C GLY A 21 20.44 -5.24 8.91
N VAL A 22 20.30 -5.64 7.65
CA VAL A 22 21.09 -5.07 6.57
C VAL A 22 20.25 -4.01 5.87
N LEU A 23 20.86 -2.83 5.66
CA LEU A 23 20.13 -1.72 5.07
C LEU A 23 19.65 -2.04 3.67
N GLY A 24 18.42 -1.64 3.37
CA GLY A 24 17.85 -1.82 2.05
C GLY A 24 18.09 -0.62 1.16
N LYS A 25 17.46 -0.65 0.00
CA LYS A 25 17.58 0.43 -0.98
C LYS A 25 16.49 1.46 -0.75
N TRP A 26 16.90 2.72 -0.56
CA TRP A 26 15.95 3.79 -0.29
C TRP A 26 15.02 4.00 -1.48
N ARG A 27 13.75 4.24 -1.19
CA ARG A 27 12.77 4.57 -2.21
C ARG A 27 11.89 5.70 -1.72
N TRP A 28 11.36 6.47 -2.66
CA TRP A 28 10.44 7.55 -2.35
C TRP A 28 9.04 7.00 -2.12
N ILE A 29 8.40 7.44 -1.04
CA ILE A 29 7.09 6.92 -0.66
C ILE A 29 6.00 7.69 -1.38
N GLN A 30 6.39 8.52 -2.35
CA GLN A 30 5.44 9.29 -3.14
C GLN A 30 4.80 10.38 -2.29
N ASP A 31 3.63 10.85 -2.71
CA ASP A 31 2.99 11.97 -2.03
C ASP A 31 2.60 11.59 -0.60
N VAL A 32 2.86 12.52 0.33
CA VAL A 32 2.49 12.36 1.73
C VAL A 32 1.85 13.66 2.18
N SER A 33 0.72 13.54 2.89
CA SER A 33 -0.05 14.72 3.28
C SER A 33 0.16 15.13 4.74
N ALA A 34 0.53 14.21 5.62
CA ALA A 34 0.68 14.53 7.03
C ALA A 34 1.68 13.59 7.68
N MET A 35 2.53 14.14 8.53
CA MET A 35 3.48 13.38 9.33
C MET A 35 3.48 13.93 10.74
N SER A 36 3.33 13.04 11.72
CA SER A 36 3.30 13.43 13.12
C SER A 36 4.16 12.48 13.93
N ILE A 37 4.86 13.03 14.93
CA ILE A 37 5.69 12.26 15.84
C ILE A 37 5.24 12.59 17.27
N GLN A 38 4.98 11.55 18.05
CA GLN A 38 4.53 11.68 19.43
C GLN A 38 5.49 10.94 20.35
N LEU A 39 5.78 11.53 21.50
CA LEU A 39 6.68 10.96 22.49
C LEU A 39 5.91 10.65 23.76
N ALA A 40 6.14 9.47 24.33
CA ALA A 40 5.50 9.04 25.55
C ALA A 40 6.57 8.64 26.56
N VAL A 41 6.38 9.06 27.81
CA VAL A 41 7.32 8.79 28.88
C VAL A 41 6.54 8.39 30.13
N GLU A 42 7.04 7.37 30.83
CA GLU A 42 6.50 6.94 32.10
C GLU A 42 7.41 7.40 33.23
N LYS A 43 6.82 7.89 34.31
CA LYS A 43 7.58 8.48 35.40
C LYS A 43 7.13 7.88 36.73
N VAL A 44 8.09 7.62 37.61
CA VAL A 44 7.83 7.20 38.97
C VAL A 44 8.16 8.37 39.88
N GLU A 45 7.25 8.68 40.81
CA GLU A 45 7.30 9.90 41.59
C GLU A 45 7.55 9.60 43.07
N HIS A 46 8.30 10.48 43.71
CA HIS A 46 8.58 10.41 45.14
C HIS A 46 8.06 11.67 45.81
N LYS A 47 7.35 11.50 46.91
CA LYS A 47 6.71 12.58 47.65
C LYS A 47 7.29 12.67 49.05
N GLU A 48 7.68 13.87 49.46
CA GLU A 48 8.11 14.08 50.84
C GLU A 48 6.93 14.41 51.73
N SER A 49 7.13 14.28 53.04
CA SER A 49 6.04 14.48 53.99
C SER A 49 6.46 15.26 55.22
N TYR A 50 7.53 16.05 55.14
CA TYR A 50 7.99 16.82 56.30
C TYR A 50 7.37 18.20 56.38
N SER A 51 6.83 18.72 55.29
CA SER A 51 6.20 20.04 55.28
C SER A 51 4.71 19.98 55.59
N GLY A 52 4.11 18.80 55.67
CA GLY A 52 2.69 18.66 55.87
C GLY A 52 1.85 18.80 54.63
N GLN A 53 2.47 19.07 53.48
CA GLN A 53 1.74 19.24 52.22
C GLN A 53 1.59 17.94 51.43
N LYS A 54 2.28 16.88 51.82
CA LYS A 54 2.23 15.60 51.12
C LYS A 54 2.23 15.79 49.61
N ALA A 55 3.14 16.62 49.12
CA ALA A 55 3.18 16.98 47.70
C ALA A 55 4.36 16.32 47.00
N LEU A 56 4.36 16.44 45.68
CA LEU A 56 5.42 15.85 44.86
C LEU A 56 6.74 16.57 45.12
N VAL A 57 7.82 15.78 45.22
CA VAL A 57 9.15 16.34 45.40
C VAL A 57 10.16 15.84 44.38
N ARG A 58 9.97 14.67 43.76
CA ARG A 58 10.92 14.17 42.79
C ARG A 58 10.21 13.25 41.82
N SER A 59 10.81 13.06 40.65
CA SER A 59 10.27 12.14 39.66
C SER A 59 11.40 11.68 38.74
N PHE A 60 11.40 10.40 38.39
CA PHE A 60 12.37 9.89 37.45
C PHE A 60 11.69 9.03 36.39
N PRO A 61 12.12 9.12 35.14
CA PRO A 61 11.44 8.36 34.08
C PRO A 61 11.88 6.90 34.03
N ILE A 62 10.90 6.03 33.75
CA ILE A 62 11.16 4.61 33.59
C ILE A 62 10.89 4.14 32.16
N GLY A 63 9.88 4.70 31.50
CA GLY A 63 9.52 4.30 30.16
C GLY A 63 9.84 5.37 29.14
N LYS A 64 10.05 4.93 27.90
CA LYS A 64 10.37 5.83 26.79
C LYS A 64 9.90 5.18 25.50
N THR A 65 9.00 5.86 24.80
CA THR A 65 8.48 5.32 23.55
C THR A 65 8.17 6.48 22.60
N ALA A 66 8.16 6.15 21.31
CA ALA A 66 7.88 7.16 20.29
C ALA A 66 7.05 6.51 19.19
N THR A 67 6.03 7.24 18.74
CA THR A 67 5.12 6.78 17.71
C THR A 67 5.11 7.78 16.57
N VAL A 68 4.88 7.28 15.36
CA VAL A 68 4.88 8.09 14.15
C VAL A 68 3.63 7.76 13.33
N ASN A 69 2.93 8.79 12.89
CA ASN A 69 1.75 8.64 12.06
C ASN A 69 2.01 9.32 10.71
N ILE A 70 1.71 8.61 9.62
CA ILE A 70 1.95 9.11 8.27
C ILE A 70 0.70 8.90 7.44
N THR A 71 0.29 9.93 6.70
CA THR A 71 -0.87 9.86 5.82
C THR A 71 -0.37 9.99 4.38
N LEU A 72 -0.43 8.90 3.63
CA LEU A 72 0.03 8.86 2.25
C LEU A 72 -1.15 8.62 1.32
N HIS A 73 -1.15 9.34 0.19
CA HIS A 73 -2.25 9.28 -0.77
C HIS A 73 -1.90 8.47 -2.01
N SER A 74 -0.77 7.77 -2.00
CA SER A 74 -0.34 6.97 -3.15
C SER A 74 -0.77 5.53 -2.95
N ILE A 75 -1.39 4.96 -3.99
CA ILE A 75 -1.89 3.58 -3.94
C ILE A 75 -1.02 2.71 -4.83
N GLY A 76 0.23 3.10 -5.03
CA GLY A 76 1.15 2.33 -5.85
C GLY A 76 1.42 0.97 -5.25
N PRO A 77 1.68 -0.03 -6.09
CA PRO A 77 1.93 -1.38 -5.55
C PRO A 77 3.09 -1.44 -4.58
N ASP A 78 4.13 -0.63 -4.80
CA ASP A 78 5.25 -0.62 -3.87
C ASP A 78 4.81 -0.18 -2.48
N ASN A 79 3.95 0.84 -2.42
CA ASN A 79 3.42 1.28 -1.13
C ASN A 79 2.40 0.28 -0.58
N LEU A 80 1.65 -0.39 -1.46
CA LEU A 80 0.70 -1.39 -0.99
C LEU A 80 1.42 -2.54 -0.31
N ALA A 81 2.58 -2.95 -0.84
CA ALA A 81 3.36 -3.99 -0.19
C ALA A 81 3.79 -3.58 1.20
N LEU A 82 4.17 -2.32 1.37
CA LEU A 82 4.63 -1.83 2.67
C LEU A 82 3.48 -1.66 3.66
N THR A 83 2.29 -1.28 3.19
CA THR A 83 1.20 -0.96 4.10
C THR A 83 0.29 -2.15 4.36
N LEU A 84 0.18 -3.09 3.42
CA LEU A 84 -0.71 -4.23 3.55
C LEU A 84 0.01 -5.50 3.98
N TYR A 85 1.29 -5.43 4.34
CA TYR A 85 2.08 -6.62 4.63
C TYR A 85 2.04 -7.59 3.45
N GLY A 86 2.13 -7.03 2.24
CA GLY A 86 2.07 -7.82 1.03
C GLY A 86 3.38 -7.79 0.27
N LYS A 87 3.46 -8.65 -0.74
CA LYS A 87 4.62 -8.74 -1.62
C LYS A 87 4.13 -8.72 -3.06
N VAL A 88 4.75 -7.88 -3.88
CA VAL A 88 4.25 -7.59 -5.22
C VAL A 88 4.48 -8.80 -6.11
N VAL A 89 3.49 -9.12 -6.93
CA VAL A 89 3.56 -10.21 -7.90
C VAL A 89 3.33 -9.60 -9.28
N ALA A 90 4.26 -9.84 -10.20
CA ALA A 90 4.18 -9.31 -11.55
C ALA A 90 3.80 -10.42 -12.52
N LYS A 91 2.74 -10.20 -13.29
CA LYS A 91 2.27 -11.14 -14.29
C LYS A 91 2.49 -10.53 -15.66
N ALA A 92 3.22 -11.25 -16.51
CA ALA A 92 3.51 -10.76 -17.86
C ALA A 92 2.34 -11.04 -18.79
N ALA A 93 2.22 -10.20 -19.81
CA ALA A 93 1.14 -10.36 -20.79
C ALA A 93 1.29 -11.68 -21.54
N GLY A 94 0.16 -12.21 -21.96
CA GLY A 94 0.16 -13.50 -22.62
C GLY A 94 -1.13 -13.76 -23.36
N SER A 95 -1.33 -15.03 -23.72
CA SER A 95 -2.47 -15.45 -24.51
C SER A 95 -3.11 -16.70 -23.91
N VAL A 96 -4.39 -16.87 -24.19
CA VAL A 96 -5.15 -18.05 -23.80
C VAL A 96 -5.77 -18.64 -25.06
N THR A 97 -5.74 -19.97 -25.17
CA THR A 97 -6.18 -20.65 -26.38
C THR A 97 -7.36 -21.59 -26.17
N GLY A 98 -7.43 -22.29 -25.03
CA GLY A 98 -8.44 -23.31 -24.84
C GLY A 98 -9.22 -23.20 -23.55
N GLU A 99 -9.44 -21.99 -23.08
CA GLU A 99 -10.27 -21.80 -21.89
C GLU A 99 -11.70 -22.24 -22.18
N VAL A 100 -12.29 -22.94 -21.23
CA VAL A 100 -13.65 -23.47 -21.38
C VAL A 100 -14.60 -22.61 -20.56
N LEU A 101 -15.62 -22.09 -21.22
CA LEU A 101 -16.63 -21.26 -20.57
C LEU A 101 -17.69 -22.13 -19.91
N PRO A 102 -18.46 -21.56 -18.97
CA PRO A 102 -19.50 -22.37 -18.30
C PRO A 102 -20.52 -22.89 -19.31
N ALA A 103 -21.10 -24.04 -18.98
CA ALA A 103 -22.12 -24.64 -19.82
C ALA A 103 -23.46 -23.93 -19.62
N ASP A 104 -24.51 -24.53 -20.18
CA ASP A 104 -25.90 -24.07 -20.06
C ASP A 104 -26.03 -22.55 -20.13
N LEU A 105 -25.25 -21.91 -21.00
CA LEU A 105 -25.35 -20.46 -21.17
C LEU A 105 -26.55 -20.10 -22.04
N VAL A 106 -27.19 -18.99 -21.68
CA VAL A 106 -28.32 -18.44 -22.42
C VAL A 106 -28.14 -16.93 -22.51
N ALA A 107 -29.02 -16.30 -23.28
CA ALA A 107 -28.97 -14.85 -23.42
C ALA A 107 -29.14 -14.19 -22.05
N GLY A 108 -28.29 -13.19 -21.78
CA GLY A 108 -28.31 -12.47 -20.54
C GLY A 108 -27.24 -12.89 -19.55
N ASP A 109 -26.64 -14.07 -19.74
CA ASP A 109 -25.60 -14.53 -18.84
C ASP A 109 -24.33 -13.69 -19.00
N VAL A 110 -23.61 -13.53 -17.90
CA VAL A 110 -22.36 -12.78 -17.87
C VAL A 110 -21.24 -13.75 -17.52
N ILE A 111 -20.25 -13.83 -18.41
CA ILE A 111 -19.12 -14.74 -18.26
C ILE A 111 -17.93 -13.94 -17.74
N ARG A 112 -17.31 -14.43 -16.66
CA ARG A 112 -16.15 -13.79 -16.06
C ARG A 112 -14.90 -14.56 -16.47
N LEU A 113 -13.92 -13.85 -17.01
CA LEU A 113 -12.68 -14.47 -17.46
C LEU A 113 -11.61 -14.39 -16.38
N ALA A 114 -10.63 -15.30 -16.48
CA ALA A 114 -9.61 -15.40 -15.45
C ALA A 114 -8.58 -14.28 -15.49
N ASN A 115 -8.45 -13.60 -16.64
CA ASN A 115 -7.47 -12.53 -16.80
C ASN A 115 -8.17 -11.24 -17.21
N PHE A 116 -7.47 -10.13 -16.98
CA PHE A 116 -7.98 -8.80 -17.26
C PHE A 116 -7.35 -8.25 -18.53
N GLY A 117 -7.89 -7.13 -19.01
CA GLY A 117 -7.38 -6.53 -20.22
C GLY A 117 -7.54 -7.41 -21.44
N VAL A 118 -8.71 -8.03 -21.60
CA VAL A 118 -8.93 -8.95 -22.70
C VAL A 118 -9.02 -8.18 -24.01
N SER A 119 -8.46 -8.76 -25.06
CA SER A 119 -8.51 -8.17 -26.39
C SER A 119 -8.49 -9.28 -27.44
N GLU A 120 -9.00 -8.96 -28.62
CA GLU A 120 -9.08 -9.93 -29.72
C GLU A 120 -9.79 -11.20 -29.28
N LEU A 121 -10.90 -11.03 -28.57
CA LEU A 121 -11.62 -12.17 -28.02
C LEU A 121 -12.21 -13.02 -29.14
N VAL A 122 -12.00 -14.33 -29.05
CA VAL A 122 -12.53 -15.30 -30.01
C VAL A 122 -13.15 -16.44 -29.23
N ILE A 123 -14.32 -16.89 -29.66
CA ILE A 123 -15.02 -18.01 -29.04
C ILE A 123 -15.33 -19.00 -30.15
N THR A 124 -14.55 -20.08 -30.22
CA THR A 124 -14.78 -21.11 -31.21
C THR A 124 -15.87 -22.07 -30.74
N ASP A 125 -16.76 -22.43 -31.66
CA ASP A 125 -17.84 -23.35 -31.35
C ASP A 125 -17.31 -24.77 -31.25
N SER A 126 -17.92 -25.56 -30.37
CA SER A 126 -17.50 -26.95 -30.19
C SER A 126 -18.19 -27.82 -31.23
N ALA A 127 -17.42 -28.34 -32.19
CA ALA A 127 -17.96 -29.17 -33.25
C ALA A 127 -16.79 -29.74 -34.05
N SER A 128 -17.09 -30.78 -34.83
CA SER A 128 -16.06 -31.39 -35.68
C SER A 128 -15.49 -30.37 -36.66
N SER A 129 -16.30 -29.39 -37.07
CA SER A 129 -15.86 -28.30 -37.94
C SER A 129 -15.92 -27.01 -37.13
N PRO A 130 -14.77 -26.53 -36.65
CA PRO A 130 -14.79 -25.29 -35.85
C PRO A 130 -15.46 -24.16 -36.60
N ALA A 131 -16.29 -23.40 -35.88
CA ALA A 131 -17.05 -22.29 -36.46
C ALA A 131 -17.06 -21.14 -35.46
N PRO A 132 -16.12 -20.20 -35.56
CA PRO A 132 -16.14 -19.05 -34.64
C PRO A 132 -17.48 -18.34 -34.67
N LEU A 133 -17.95 -17.95 -33.48
CA LEU A 133 -19.23 -17.28 -33.37
C LEU A 133 -19.13 -15.85 -33.88
N ASP A 134 -20.26 -15.33 -34.38
CA ASP A 134 -20.28 -13.97 -34.88
C ASP A 134 -20.06 -12.99 -33.72
N PRO A 135 -19.20 -11.98 -33.90
CA PRO A 135 -18.97 -11.03 -32.80
C PRO A 135 -20.22 -10.28 -32.38
N GLN A 136 -21.20 -10.11 -33.27
CA GLN A 136 -22.41 -9.35 -32.94
C GLN A 136 -23.26 -10.03 -31.88
N TYR A 137 -23.01 -11.30 -31.57
CA TYR A 137 -23.80 -12.04 -30.59
C TYR A 137 -23.27 -11.91 -29.17
N TYR A 138 -22.18 -11.15 -28.97
CA TYR A 138 -21.64 -10.96 -27.63
C TYR A 138 -21.05 -9.56 -27.55
N ALA A 139 -20.95 -9.06 -26.32
CA ALA A 139 -20.45 -7.72 -26.05
C ALA A 139 -19.46 -7.77 -24.89
N LEU A 140 -18.55 -6.81 -24.87
CA LEU A 140 -17.54 -6.70 -23.82
C LEU A 140 -17.87 -5.51 -22.92
N ARG A 141 -18.33 -5.79 -21.71
CA ARG A 141 -18.59 -4.73 -20.74
C ARG A 141 -17.29 -4.14 -20.24
N ALA A 142 -17.34 -2.87 -19.86
CA ALA A 142 -16.19 -2.15 -19.34
C ALA A 142 -14.96 -2.39 -20.21
N ASP A 143 -15.18 -2.26 -21.53
CA ASP A 143 -14.16 -2.46 -22.56
C ASP A 143 -13.19 -3.57 -22.20
N GLY A 144 -13.71 -4.67 -21.65
CA GLY A 144 -12.88 -5.81 -21.35
C GLY A 144 -11.91 -5.61 -20.21
N ALA A 145 -11.96 -4.46 -19.52
CA ALA A 145 -11.03 -4.22 -18.42
C ALA A 145 -11.26 -5.20 -17.28
N TYR A 146 -12.52 -5.51 -16.98
CA TYR A 146 -12.87 -6.41 -15.89
C TYR A 146 -12.99 -7.86 -16.35
N GLY A 147 -12.79 -8.14 -17.63
CA GLY A 147 -12.90 -9.51 -18.13
C GLY A 147 -14.31 -10.05 -18.06
N GLU A 148 -15.31 -9.26 -18.45
CA GLU A 148 -16.70 -9.65 -18.41
C GLU A 148 -17.28 -9.63 -19.82
N VAL A 149 -17.96 -10.70 -20.21
CA VAL A 149 -18.55 -10.83 -21.54
C VAL A 149 -20.05 -11.10 -21.37
N GLN A 150 -20.87 -10.35 -22.10
CA GLN A 150 -22.32 -10.50 -22.05
C GLN A 150 -22.81 -11.12 -23.34
N LEU A 151 -23.74 -12.08 -23.23
CA LEU A 151 -24.34 -12.69 -24.39
C LEU A 151 -25.49 -11.82 -24.89
N LEU A 152 -25.42 -11.45 -26.18
CA LEU A 152 -26.47 -10.66 -26.80
C LEU A 152 -27.55 -11.51 -27.47
N GLY A 153 -27.19 -12.70 -27.93
CA GLY A 153 -28.17 -13.58 -28.55
C GLY A 153 -27.49 -14.86 -29.00
N LEU A 154 -28.32 -15.77 -29.52
CA LEU A 154 -27.83 -17.03 -30.04
C LEU A 154 -28.56 -17.35 -31.34
N PRO A 155 -27.90 -18.02 -32.30
CA PRO A 155 -28.59 -18.40 -33.52
C PRO A 155 -29.76 -19.34 -33.23
N THR A 156 -30.79 -19.26 -34.06
CA THR A 156 -31.93 -20.17 -33.92
C THR A 156 -31.51 -21.63 -33.90
N PRO A 157 -30.65 -22.11 -34.80
CA PRO A 157 -30.09 -23.47 -34.63
C PRO A 157 -29.01 -23.48 -33.55
N ALA A 158 -29.47 -23.60 -32.30
CA ALA A 158 -28.61 -23.50 -31.12
C ALA A 158 -27.31 -24.27 -31.30
N PRO A 159 -26.16 -23.60 -31.30
CA PRO A 159 -24.88 -24.32 -31.43
C PRO A 159 -24.54 -25.08 -30.17
N THR A 160 -23.49 -25.89 -30.26
CA THR A 160 -23.04 -26.67 -29.11
C THR A 160 -22.76 -25.73 -27.94
N GLN A 161 -23.29 -26.08 -26.77
CA GLN A 161 -23.25 -25.17 -25.63
C GLN A 161 -21.85 -24.91 -25.12
N PRO A 162 -21.04 -25.93 -24.78
CA PRO A 162 -19.68 -25.63 -24.29
C PRO A 162 -18.88 -24.87 -25.33
N PHE A 163 -18.11 -23.89 -24.86
CA PHE A 163 -17.36 -22.99 -25.72
C PHE A 163 -15.87 -23.06 -25.38
N LYS A 164 -15.07 -22.53 -26.30
CA LYS A 164 -13.61 -22.51 -26.19
C LYS A 164 -13.15 -21.08 -26.47
N ALA A 165 -12.80 -20.35 -25.42
CA ALA A 165 -12.45 -18.95 -25.55
C ALA A 165 -10.93 -18.77 -25.60
N ALA A 166 -10.48 -17.99 -26.57
CA ALA A 166 -9.08 -17.62 -26.72
C ALA A 166 -8.97 -16.11 -26.87
N TYR A 167 -7.94 -15.53 -26.26
CA TYR A 167 -7.79 -14.08 -26.27
C TYR A 167 -6.39 -13.73 -25.77
N GLU A 168 -6.16 -12.43 -25.60
CA GLU A 168 -4.89 -11.90 -25.11
C GLU A 168 -5.13 -11.11 -23.83
N TYR A 169 -4.24 -11.27 -22.85
CA TYR A 169 -4.34 -10.56 -21.59
C TYR A 169 -3.06 -9.77 -21.34
N ALA A 170 -3.21 -8.59 -20.76
CA ALA A 170 -2.08 -7.70 -20.52
C ALA A 170 -1.43 -8.02 -19.17
N ALA A 171 -0.24 -7.46 -18.97
CA ALA A 171 0.49 -7.65 -17.73
C ALA A 171 -0.16 -6.88 -16.60
N THR A 172 0.06 -7.35 -15.36
CA THR A 172 -0.56 -6.75 -14.19
C THR A 172 0.36 -6.89 -12.99
N LYS A 173 0.06 -6.12 -11.95
CA LYS A 173 0.76 -6.19 -10.68
C LYS A 173 -0.26 -6.42 -9.57
N GLN A 174 0.00 -7.40 -8.71
CA GLN A 174 -0.92 -7.81 -7.67
C GLN A 174 -0.24 -7.72 -6.31
N VAL A 175 -1.03 -7.50 -5.27
CA VAL A 175 -0.55 -7.45 -3.89
C VAL A 175 -1.46 -8.32 -3.05
N GLY A 176 -0.87 -9.24 -2.28
CA GLY A 176 -1.63 -10.10 -1.40
C GLY A 176 -1.93 -9.45 -0.07
N MET A 177 -2.90 -10.02 0.65
CA MET A 177 -3.29 -9.52 1.96
C MET A 177 -2.59 -10.32 3.04
N PHE A 178 -1.81 -9.62 3.86
CA PHE A 178 -1.10 -10.26 4.98
C PHE A 178 -0.21 -11.41 4.48
N THR A 179 0.50 -11.18 3.38
CA THR A 179 1.37 -12.19 2.79
C THR A 179 2.85 -11.94 3.05
N ALA A 180 3.20 -10.93 3.85
CA ALA A 180 4.58 -10.61 4.18
C ALA A 180 4.70 -10.32 5.66
N PRO A 181 5.90 -10.50 6.23
CA PRO A 181 6.08 -10.22 7.65
C PRO A 181 6.11 -8.73 7.94
N GLN A 182 6.09 -8.41 9.24
CA GLN A 182 6.07 -7.03 9.71
C GLN A 182 7.29 -6.27 9.17
N PRO A 183 7.11 -5.32 8.27
CA PRO A 183 8.26 -4.57 7.75
C PRO A 183 8.90 -3.71 8.82
N THR A 184 10.20 -3.51 8.66
CA THR A 184 10.97 -2.58 9.49
C THR A 184 11.74 -1.66 8.55
N VAL A 185 11.41 -0.37 8.57
CA VAL A 185 11.91 0.59 7.61
C VAL A 185 12.53 1.78 8.34
N ALA A 186 13.69 2.21 7.85
CA ALA A 186 14.30 3.45 8.30
C ALA A 186 13.77 4.60 7.45
N LEU A 187 13.49 5.72 8.10
CA LEU A 187 12.82 6.85 7.46
C LEU A 187 13.71 8.08 7.46
N ARG A 188 13.70 8.79 6.34
CA ARG A 188 14.43 10.04 6.17
C ARG A 188 13.45 11.08 5.63
N TYR A 189 13.12 12.06 6.45
CA TYR A 189 12.23 13.16 6.06
C TYR A 189 13.11 14.36 5.69
N LYS A 190 13.11 14.71 4.41
CA LYS A 190 13.85 15.86 3.90
C LYS A 190 12.82 16.95 3.63
N GLY A 191 12.83 18.00 4.44
CA GLY A 191 11.83 19.04 4.35
C GLY A 191 12.38 20.44 4.17
N ILE A 192 11.53 21.32 3.66
CA ILE A 192 11.82 22.73 3.50
C ILE A 192 10.92 23.50 4.45
N ASN A 193 11.52 24.38 5.24
CA ASN A 193 10.81 25.24 6.19
C ASN A 193 10.59 26.59 5.50
N LEU A 194 9.33 26.87 5.17
CA LEU A 194 9.02 28.10 4.43
C LEU A 194 9.12 29.32 5.32
N ALA A 195 8.98 29.17 6.64
CA ALA A 195 9.02 30.31 7.54
C ALA A 195 10.38 30.98 7.56
N GLU A 196 11.43 30.31 7.11
CA GLU A 196 12.78 30.83 7.09
C GLU A 196 13.33 30.87 5.68
N GLY A 197 12.52 31.34 4.73
CA GLY A 197 12.94 31.42 3.35
C GLY A 197 13.16 30.09 2.68
N GLY A 198 12.60 29.02 3.24
CA GLY A 198 12.80 27.69 2.68
C GLY A 198 14.06 27.01 3.16
N ALA A 199 14.34 27.08 4.46
CA ALA A 199 15.57 26.49 4.97
C ALA A 199 15.47 24.96 4.95
N PRO A 200 16.61 24.26 4.85
CA PRO A 200 16.58 22.80 4.82
C PRO A 200 16.52 22.20 6.22
N VAL A 201 15.74 21.12 6.35
CA VAL A 201 15.65 20.37 7.59
C VAL A 201 15.65 18.89 7.25
N ILE A 202 16.34 18.09 8.06
CA ILE A 202 16.40 16.64 7.86
C ILE A 202 16.04 15.96 9.17
N VAL A 203 15.20 14.93 9.08
CA VAL A 203 14.82 14.13 10.23
C VAL A 203 15.13 12.68 9.91
N GLU A 204 15.90 12.02 10.79
CA GLU A 204 16.32 10.65 10.61
C GLU A 204 15.70 9.78 11.69
N LEU A 205 14.99 8.73 11.28
CA LEU A 205 14.50 7.70 12.19
C LEU A 205 15.12 6.37 11.78
N TYR A 206 15.91 5.78 12.67
CA TYR A 206 16.73 4.63 12.29
C TYR A 206 15.90 3.36 12.12
N LYS A 207 14.96 3.11 13.03
CA LYS A 207 14.20 1.86 13.01
C LYS A 207 12.76 2.16 13.36
N VAL A 208 11.84 1.79 12.47
CA VAL A 208 10.42 1.98 12.67
C VAL A 208 9.69 0.70 12.28
N ALA A 209 8.78 0.26 13.12
CA ALA A 209 7.91 -0.89 12.84
C ALA A 209 6.49 -0.38 12.61
N THR A 210 5.95 -0.65 11.42
CA THR A 210 4.71 -0.04 10.97
C THR A 210 3.49 -0.86 11.40
N ASP A 211 2.31 -0.20 11.37
CA ASP A 211 1.03 -0.85 11.65
C ASP A 211 0.15 -0.82 10.41
N PRO A 212 -0.50 -1.93 10.04
CA PRO A 212 -1.33 -1.94 8.85
C PRO A 212 -2.24 -0.72 8.75
N LEU A 213 -2.66 -0.45 7.52
CA LEU A 213 -3.65 0.60 7.29
C LEU A 213 -4.93 0.28 8.04
N GLN A 214 -5.52 1.32 8.64
CA GLN A 214 -6.73 1.11 9.43
C GLN A 214 -7.97 1.06 8.54
N GLU A 215 -8.12 2.03 7.64
CA GLU A 215 -9.30 2.12 6.78
C GLU A 215 -8.86 2.40 5.36
N LEU A 216 -9.65 1.90 4.40
CA LEU A 216 -9.41 2.13 2.98
C LEU A 216 -10.77 2.18 2.30
N ALA A 217 -11.25 3.39 2.01
CA ALA A 217 -12.55 3.59 1.39
C ALA A 217 -12.40 3.41 -0.13
N LEU A 218 -12.87 2.28 -0.64
CA LEU A 218 -12.75 2.01 -2.07
C LEU A 218 -13.66 2.90 -2.91
N ILE A 219 -14.84 3.21 -2.40
CA ILE A 219 -15.78 4.11 -3.07
C ILE A 219 -15.90 5.36 -2.23
N SER A 220 -15.40 6.48 -2.76
CA SER A 220 -15.25 7.72 -2.01
C SER A 220 -16.37 8.69 -2.36
N ASP A 221 -16.76 9.50 -1.39
CA ASP A 221 -17.76 10.55 -1.57
C ASP A 221 -17.15 11.89 -1.20
N GLY A 222 -17.43 12.90 -2.01
CA GLY A 222 -16.90 14.24 -1.81
C GLY A 222 -15.79 14.56 -2.79
N ASN A 223 -14.99 15.57 -2.41
CA ASN A 223 -13.88 16.04 -3.22
C ASN A 223 -12.53 15.80 -2.56
N THR A 224 -12.44 14.79 -1.68
CA THR A 224 -11.23 14.50 -0.94
C THR A 224 -10.56 13.26 -1.52
N VAL A 225 -9.26 13.36 -1.79
CA VAL A 225 -8.51 12.22 -2.31
C VAL A 225 -8.39 11.15 -1.23
N ALA A 226 -8.50 9.89 -1.65
CA ALA A 226 -8.42 8.78 -0.69
C ALA A 226 -7.09 8.83 0.06
N GLY A 227 -7.17 8.68 1.38
CA GLY A 227 -6.00 8.75 2.24
C GLY A 227 -5.73 7.42 2.90
N MET A 228 -4.44 7.11 3.08
CA MET A 228 -4.00 5.88 3.71
C MET A 228 -3.15 6.25 4.92
N GLN A 229 -3.67 5.99 6.12
CA GLN A 229 -3.02 6.37 7.36
C GLN A 229 -2.33 5.15 7.96
N ILE A 230 -1.05 5.32 8.32
CA ILE A 230 -0.23 4.25 8.87
C ILE A 230 0.39 4.73 10.16
N SER A 231 0.30 3.91 11.20
CA SER A 231 0.94 4.18 12.49
C SER A 231 2.12 3.23 12.67
N GLY A 232 3.13 3.71 13.38
CA GLY A 232 4.31 2.89 13.63
C GLY A 232 5.02 3.28 14.91
N GLY A 233 5.76 2.33 15.49
CA GLY A 233 6.56 2.58 16.66
C GLY A 233 8.03 2.65 16.30
N ILE A 234 8.70 3.68 16.82
CA ILE A 234 10.13 3.87 16.58
C ILE A 234 10.89 3.03 17.61
N LEU A 235 11.48 1.93 17.16
CA LEU A 235 12.17 0.99 18.03
C LEU A 235 13.56 1.51 18.37
N LEU A 236 14.17 0.87 19.37
CA LEU A 236 15.50 1.24 19.82
C LEU A 236 16.55 0.47 19.04
N ASP A 237 17.38 1.19 18.29
CA ASP A 237 18.46 0.55 17.54
C ASP A 237 19.63 0.27 18.46
N THR A 238 20.07 -0.99 18.48
CA THR A 238 21.16 -1.42 19.35
C THR A 238 22.52 -1.39 18.67
N SER A 239 22.60 -0.96 17.42
CA SER A 239 23.87 -0.94 16.70
C SER A 239 24.62 0.37 16.86
N LYS A 240 23.90 1.48 17.03
CA LYS A 240 24.56 2.78 17.13
C LYS A 240 25.28 2.90 18.48
N PRO A 241 26.33 3.72 18.55
CA PRO A 241 27.04 3.89 19.82
C PRO A 241 26.11 4.42 20.91
N ASP A 242 26.29 3.90 22.12
CA ASP A 242 25.45 4.30 23.24
C ASP A 242 25.77 5.72 23.70
N THR A 243 27.06 6.06 23.77
CA THR A 243 27.48 7.37 24.26
C THR A 243 27.41 8.47 23.21
N GLY A 244 27.20 8.11 21.94
CA GLY A 244 27.15 9.13 20.90
C GLY A 244 25.99 10.09 21.11
N ASP A 245 26.21 11.34 20.69
CA ASP A 245 25.20 12.38 20.83
C ASP A 245 24.05 12.20 19.84
N LEU A 246 24.18 11.31 18.86
CA LEU A 246 23.11 11.06 17.90
C LEU A 246 21.99 10.20 18.47
N GLY A 247 22.17 9.63 19.66
CA GLY A 247 21.13 8.84 20.26
C GLY A 247 20.92 7.52 19.53
N ARG A 248 19.77 6.89 19.84
CA ARG A 248 19.41 5.62 19.24
C ARG A 248 17.99 5.58 18.67
N PHE A 249 17.18 6.63 18.91
CA PHE A 249 15.83 6.70 18.37
C PHE A 249 15.76 7.48 17.07
N GLY A 250 16.25 8.72 17.08
CA GLY A 250 16.17 9.57 15.90
C GLY A 250 16.94 10.84 16.14
N ARG A 251 17.11 11.60 15.05
CA ARG A 251 17.88 12.84 15.13
C ARG A 251 17.33 13.85 14.12
N ILE A 252 17.67 15.11 14.36
CA ILE A 252 17.25 16.23 13.51
C ILE A 252 18.49 17.03 13.15
N ILE A 253 18.62 17.35 11.86
CA ILE A 253 19.72 18.16 11.34
C ILE A 253 19.14 19.43 10.76
N GLN A 254 19.62 20.57 11.24
CA GLN A 254 19.23 21.89 10.74
C GLN A 254 20.51 22.64 10.40
N LEU A 255 20.62 23.10 9.15
CA LEU A 255 21.82 23.79 8.71
C LEU A 255 21.79 25.23 9.19
N GLY A 256 22.85 25.65 9.89
CA GLY A 256 22.93 26.99 10.43
C GLY A 256 24.22 27.23 11.18
#